data_4E3Y
#
_entry.id   4E3Y
#
_cell.length_a   106.265
_cell.length_b   73.418
_cell.length_c   67.924
_cell.angle_alpha   90.00
_cell.angle_beta   90.00
_cell.angle_gamma   90.00
#
_symmetry.space_group_name_H-M   'P 21 21 2'
#
loop_
_entity.id
_entity.type
_entity.pdbx_description
1 polymer Nuclease
2 non-polymer 'MAGNESIUM ION'
3 non-polymer 1,2-ETHANEDIOL
4 non-polymer DI(HYDROXYETHYL)ETHER
5 non-polymer 'SULFATE ION'
6 non-polymer GLYCEROL
7 water water
#
_entity_poly.entity_id   1
_entity_poly.type   'polypeptide(L)'
_entity_poly.pdbx_seq_one_letter_code
;DTLESIDNCAVGCPTGGSSNVSIVRHAYTLNNNSTTKFANWVAYHITKDTPASGKTRNWKTDPALNPADTLAPADYTGAN
AALKVDRGHQAPLASLAGVSDWESLNYLSNITPQKSDLNQGAWARLEDQERKLIDRADISSVYTVTGPLYERDMGKLPGT
QKAHTIPSAYWKVIFINNSPAVNHYAAFLFDQNTPKGADFCQFRVTVDEIEKRTGLIIWAGLPDDVQASLKSKPGVLPEL
MGCKN
;
_entity_poly.pdbx_strand_id   A,B
#
loop_
_chem_comp.id
_chem_comp.type
_chem_comp.name
_chem_comp.formula
EDO non-polymer 1,2-ETHANEDIOL 'C2 H6 O2'
GOL non-polymer GLYCEROL 'C3 H8 O3'
MG non-polymer 'MAGNESIUM ION' 'Mg 2'
PEG non-polymer DI(HYDROXYETHYL)ETHER 'C4 H10 O3'
SO4 non-polymer 'SULFATE ION' 'O4 S -2'
#
# COMPACT_ATOMS: atom_id res chain seq x y z
N SER A 5 -22.21 -18.41 1.03
CA SER A 5 -21.23 -18.35 -0.05
C SER A 5 -19.82 -18.12 0.48
N ILE A 6 -18.90 -18.96 0.02
CA ILE A 6 -17.55 -18.87 0.47
C ILE A 6 -16.69 -18.13 -0.53
N ASP A 7 -16.10 -17.02 -0.10
CA ASP A 7 -15.23 -16.21 -0.94
C ASP A 7 -13.85 -16.14 -0.27
N ASN A 8 -12.94 -16.91 -0.80
CA ASN A 8 -11.59 -16.95 -0.26
C ASN A 8 -10.64 -15.99 -0.95
N CYS A 9 -11.15 -15.16 -1.87
CA CYS A 9 -10.33 -14.31 -2.71
C CYS A 9 -10.58 -12.83 -2.63
N ALA A 10 -11.83 -12.42 -2.36
CA ALA A 10 -12.30 -11.04 -2.23
C ALA A 10 -12.37 -10.28 -3.52
N VAL A 11 -11.35 -10.35 -4.36
CA VAL A 11 -11.21 -9.57 -5.59
C VAL A 11 -11.09 -10.44 -6.81
N GLY A 12 -11.68 -11.64 -6.72
CA GLY A 12 -11.74 -12.56 -7.85
C GLY A 12 -10.63 -13.59 -7.77
N CYS A 13 -10.99 -14.86 -7.78
N CYS A 13 -11.04 -14.86 -7.92
CA CYS A 13 -9.96 -15.86 -7.77
CA CYS A 13 -10.12 -16.00 -7.99
C CYS A 13 -9.22 -15.86 -9.09
C CYS A 13 -9.21 -15.83 -9.18
N PRO A 14 -7.99 -16.39 -9.10
CA PRO A 14 -7.17 -16.35 -10.29
C PRO A 14 -7.80 -17.02 -11.48
N THR A 15 -7.54 -16.45 -12.65
CA THR A 15 -7.85 -17.14 -13.91
C THR A 15 -6.58 -17.74 -14.47
N GLY A 16 -6.78 -18.67 -15.41
CA GLY A 16 -5.69 -19.24 -16.15
C GLY A 16 -5.24 -20.58 -15.67
N GLY A 17 -5.87 -21.12 -14.62
CA GLY A 17 -5.54 -22.44 -14.15
C GLY A 17 -5.91 -23.50 -15.15
N SER A 18 -5.22 -24.64 -15.07
CA SER A 18 -5.45 -25.73 -16.00
C SER A 18 -6.83 -26.33 -15.87
N SER A 19 -7.46 -26.26 -14.70
CA SER A 19 -8.80 -26.74 -14.50
CA SER A 19 -8.78 -26.78 -14.51
C SER A 19 -9.78 -25.62 -14.60
N ASN A 20 -10.88 -25.85 -15.29
CA ASN A 20 -11.93 -24.83 -15.39
CA ASN A 20 -11.93 -24.86 -15.43
C ASN A 20 -12.82 -24.75 -14.17
N VAL A 21 -12.79 -25.74 -13.31
CA VAL A 21 -13.52 -25.73 -12.04
C VAL A 21 -12.50 -25.75 -10.88
N SER A 22 -12.75 -25.00 -9.86
CA SER A 22 -11.94 -25.03 -8.65
C SER A 22 -12.75 -25.67 -7.53
N ILE A 23 -12.02 -26.18 -6.53
CA ILE A 23 -12.60 -26.75 -5.32
C ILE A 23 -12.70 -25.62 -4.29
N VAL A 24 -13.91 -25.43 -3.74
CA VAL A 24 -14.17 -24.36 -2.81
C VAL A 24 -14.48 -24.98 -1.44
N ARG A 25 -13.65 -24.67 -0.46
CA ARG A 25 -13.75 -25.10 0.92
C ARG A 25 -13.74 -23.91 1.85
N HIS A 26 -14.10 -24.10 3.12
CA HIS A 26 -13.87 -23.05 4.09
C HIS A 26 -12.37 -22.75 4.28
N ALA A 27 -11.57 -23.81 4.20
CA ALA A 27 -10.14 -23.67 4.41
C ALA A 27 -9.46 -22.90 3.28
N TYR A 28 -9.90 -23.09 2.05
CA TYR A 28 -9.23 -22.53 0.87
C TYR A 28 -10.09 -22.81 -0.35
N THR A 29 -9.71 -22.14 -1.45
CA THR A 29 -10.15 -22.49 -2.80
C THR A 29 -8.92 -22.93 -3.56
N LEU A 30 -9.03 -24.04 -4.30
CA LEU A 30 -7.89 -24.61 -4.95
C LEU A 30 -8.20 -24.99 -6.40
N ASN A 31 -7.23 -24.82 -7.27
CA ASN A 31 -7.36 -25.19 -8.68
C ASN A 31 -6.35 -26.30 -8.96
N ASN A 32 -6.84 -27.50 -9.22
CA ASN A 32 -5.99 -28.65 -9.40
C ASN A 32 -5.41 -28.74 -10.80
N ASN A 33 -4.28 -29.40 -10.93
CA ASN A 33 -3.70 -29.73 -12.21
C ASN A 33 -3.56 -31.21 -12.34
N SER A 34 -4.36 -31.82 -13.22
CA SER A 34 -4.38 -33.27 -13.35
C SER A 34 -3.12 -33.79 -14.02
N THR A 35 -2.35 -32.95 -14.69
CA THR A 35 -1.08 -33.34 -15.29
C THR A 35 0.05 -33.32 -14.28
N THR A 36 0.23 -32.19 -13.62
CA THR A 36 1.34 -32.11 -12.66
C THR A 36 1.05 -32.92 -11.39
N LYS A 37 -0.23 -33.08 -11.07
CA LYS A 37 -0.78 -33.71 -9.86
C LYS A 37 -0.71 -32.81 -8.63
N PHE A 38 -0.44 -31.53 -8.83
CA PHE A 38 -0.40 -30.54 -7.74
C PHE A 38 -1.32 -29.38 -8.08
N ALA A 39 -1.66 -28.59 -7.08
CA ALA A 39 -2.51 -27.42 -7.32
C ALA A 39 -1.76 -26.31 -8.01
N ASN A 40 -2.39 -25.70 -9.02
CA ASN A 40 -1.88 -24.52 -9.71
C ASN A 40 -1.84 -23.28 -8.81
N TRP A 41 -2.84 -23.19 -7.94
CA TRP A 41 -2.93 -22.10 -6.99
C TRP A 41 -3.91 -22.51 -5.90
N VAL A 42 -3.69 -21.92 -4.74
CA VAL A 42 -4.51 -22.14 -3.57
C VAL A 42 -4.71 -20.75 -2.95
N ALA A 43 -5.96 -20.37 -2.75
CA ALA A 43 -6.33 -19.07 -2.22
C ALA A 43 -6.98 -19.25 -0.85
N TYR A 44 -6.65 -18.40 0.09
CA TYR A 44 -7.18 -18.56 1.45
C TYR A 44 -7.28 -17.18 2.12
N HIS A 45 -8.05 -17.22 3.22
CA HIS A 45 -8.49 -16.04 3.94
C HIS A 45 -8.30 -16.25 5.42
N ILE A 46 -7.29 -15.61 5.98
CA ILE A 46 -7.01 -15.66 7.42
C ILE A 46 -7.79 -14.56 8.09
N THR A 47 -8.48 -14.92 9.19
CA THR A 47 -9.12 -13.97 10.04
C THR A 47 -8.77 -14.31 11.49
N LYS A 48 -9.21 -13.51 12.44
CA LYS A 48 -8.84 -13.80 13.83
C LYS A 48 -9.34 -15.16 14.27
N ASP A 49 -10.36 -15.68 13.61
CA ASP A 49 -10.96 -16.95 13.99
C ASP A 49 -10.35 -18.17 13.31
N THR A 50 -9.45 -18.02 12.34
CA THR A 50 -8.98 -19.15 11.58
C THR A 50 -7.73 -19.84 12.13
N PRO A 51 -6.80 -19.17 12.86
CA PRO A 51 -5.63 -19.93 13.31
C PRO A 51 -5.98 -20.93 14.39
N ALA A 52 -5.27 -22.03 14.39
CA ALA A 52 -5.31 -23.01 15.48
C ALA A 52 -3.99 -23.73 15.46
N SER A 53 -3.41 -23.84 16.65
CA SER A 53 -2.11 -24.48 16.80
C SER A 53 -2.23 -25.95 17.18
N GLY A 54 -1.18 -26.71 16.87
CA GLY A 54 -1.05 -28.07 17.37
C GLY A 54 -1.95 -29.10 16.70
N LYS A 55 -2.50 -28.81 15.53
CA LYS A 55 -3.25 -29.83 14.78
CA LYS A 55 -3.27 -29.83 14.84
C LYS A 55 -2.33 -30.87 14.23
N THR A 56 -2.84 -32.07 14.05
CA THR A 56 -1.98 -33.12 13.53
C THR A 56 -2.16 -33.20 11.98
N ARG A 57 -1.34 -34.04 11.40
CA ARG A 57 -1.13 -34.08 9.96
CA ARG A 57 -1.15 -34.07 9.96
C ARG A 57 -1.39 -35.48 9.40
N ASN A 58 -2.65 -35.82 9.22
CA ASN A 58 -3.02 -37.08 8.62
C ASN A 58 -3.20 -36.84 7.14
N TRP A 59 -2.14 -37.06 6.41
CA TRP A 59 -2.18 -36.89 4.95
C TRP A 59 -3.22 -37.80 4.37
N LYS A 60 -3.99 -37.33 3.39
CA LYS A 60 -5.02 -38.11 2.76
CA LYS A 60 -5.06 -38.08 2.77
C LYS A 60 -5.21 -37.64 1.32
N THR A 61 -5.56 -38.57 0.45
CA THR A 61 -5.96 -38.24 -0.91
C THR A 61 -7.22 -37.34 -0.85
N ASP A 62 -7.25 -36.30 -1.69
CA ASP A 62 -8.42 -35.42 -1.73
C ASP A 62 -9.60 -36.16 -2.29
N PRO A 63 -10.67 -36.37 -1.51
CA PRO A 63 -11.83 -37.14 -1.99
C PRO A 63 -12.65 -36.44 -3.07
N ALA A 64 -12.43 -35.15 -3.29
CA ALA A 64 -13.15 -34.39 -4.28
C ALA A 64 -12.56 -34.49 -5.67
N LEU A 65 -11.39 -35.10 -5.78
CA LEU A 65 -10.72 -35.24 -7.06
C LEU A 65 -10.78 -36.67 -7.50
N ASN A 66 -10.60 -36.90 -8.78
CA ASN A 66 -10.38 -38.25 -9.27
C ASN A 66 -9.03 -38.68 -8.79
N PRO A 67 -8.92 -39.88 -8.21
CA PRO A 67 -7.63 -40.28 -7.66
C PRO A 67 -6.51 -40.32 -8.69
N ALA A 68 -6.82 -40.50 -9.96
CA ALA A 68 -5.81 -40.47 -11.01
C ALA A 68 -5.22 -39.10 -11.24
N ASP A 69 -5.84 -38.06 -10.72
CA ASP A 69 -5.49 -36.66 -11.03
C ASP A 69 -4.78 -35.94 -9.87
N THR A 70 -4.41 -36.70 -8.84
CA THR A 70 -3.82 -36.17 -7.63
C THR A 70 -2.94 -37.27 -7.00
N LEU A 71 -2.19 -36.93 -5.97
CA LEU A 71 -1.38 -37.93 -5.29
C LEU A 71 -2.13 -38.53 -4.10
N ALA A 72 -1.61 -39.70 -3.72
CA ALA A 72 -2.04 -40.43 -2.54
C ALA A 72 -0.86 -40.50 -1.57
N PRO A 73 -1.11 -40.77 -0.29
CA PRO A 73 0.01 -40.81 0.67
C PRO A 73 1.12 -41.77 0.27
N ALA A 74 0.79 -42.90 -0.29
CA ALA A 74 1.80 -43.86 -0.71
C ALA A 74 2.80 -43.27 -1.66
N ASP A 75 2.38 -42.26 -2.45
CA ASP A 75 3.24 -41.72 -3.49
C ASP A 75 4.46 -40.99 -2.93
N TYR A 76 4.43 -40.59 -1.65
CA TYR A 76 5.55 -39.91 -1.02
C TYR A 76 6.57 -40.88 -0.39
N THR A 77 6.36 -42.19 -0.46
CA THR A 77 7.30 -43.13 0.16
C THR A 77 8.68 -42.92 -0.45
N GLY A 78 9.70 -42.73 0.40
CA GLY A 78 11.05 -42.58 -0.10
C GLY A 78 11.42 -41.21 -0.62
N ALA A 79 10.48 -40.26 -0.64
CA ALA A 79 10.75 -38.98 -1.27
C ALA A 79 11.78 -38.16 -0.53
N ASN A 80 11.70 -38.16 0.79
CA ASN A 80 12.67 -37.40 1.52
C ASN A 80 14.09 -37.94 1.31
N ALA A 81 14.25 -39.24 1.34
CA ALA A 81 15.59 -39.83 1.13
C ALA A 81 16.11 -39.56 -0.26
N ALA A 82 15.26 -39.59 -1.27
CA ALA A 82 15.66 -39.42 -2.66
C ALA A 82 15.97 -37.97 -2.97
N LEU A 83 15.10 -37.06 -2.51
CA LEU A 83 15.05 -35.72 -3.06
C LEU A 83 15.16 -34.61 -1.98
N LYS A 84 15.25 -34.98 -0.70
CA LYS A 84 15.36 -34.00 0.40
C LYS A 84 14.15 -33.05 0.42
N VAL A 85 12.99 -33.62 0.17
CA VAL A 85 11.71 -32.91 0.20
C VAL A 85 10.86 -33.35 1.40
N ASP A 86 10.01 -32.42 1.83
CA ASP A 86 8.96 -32.63 2.79
C ASP A 86 7.60 -32.55 2.08
N ARG A 87 6.58 -33.04 2.75
CA ARG A 87 5.19 -32.82 2.37
C ARG A 87 4.86 -31.39 2.78
N GLY A 88 4.96 -30.46 1.85
CA GLY A 88 4.83 -29.05 2.16
C GLY A 88 3.44 -28.53 1.90
N HIS A 89 2.84 -27.89 2.87
CA HIS A 89 1.55 -27.23 2.67
C HIS A 89 1.65 -26.02 1.75
N GLN A 90 0.61 -25.89 0.92
CA GLN A 90 0.36 -24.65 0.16
C GLN A 90 -0.50 -23.61 0.92
N ALA A 91 -1.74 -23.93 1.28
CA ALA A 91 -2.43 -23.21 2.35
C ALA A 91 -1.92 -23.69 3.72
N PRO A 92 -1.50 -22.78 4.58
CA PRO A 92 -0.79 -23.16 5.82
C PRO A 92 -1.72 -23.66 6.91
N LEU A 93 -1.34 -24.77 7.50
CA LEU A 93 -2.14 -25.43 8.52
C LEU A 93 -2.44 -24.55 9.68
N ALA A 94 -1.41 -24.01 10.35
CA ALA A 94 -1.64 -23.34 11.60
C ALA A 94 -2.41 -22.05 11.49
N SER A 95 -2.40 -21.43 10.31
CA SER A 95 -3.13 -20.19 10.10
C SER A 95 -4.62 -20.38 9.80
N LEU A 96 -5.00 -21.60 9.45
CA LEU A 96 -6.33 -21.88 8.94
C LEU A 96 -7.03 -23.02 9.67
N ALA A 97 -6.37 -23.68 10.61
CA ALA A 97 -6.88 -24.94 11.13
C ALA A 97 -8.06 -24.79 12.08
N GLY A 98 -8.50 -23.57 12.37
CA GLY A 98 -9.71 -23.30 13.12
C GLY A 98 -10.97 -23.45 12.27
N VAL A 99 -10.88 -23.53 10.97
CA VAL A 99 -12.07 -23.62 10.15
C VAL A 99 -12.78 -24.94 10.21
N SER A 100 -14.04 -24.96 9.77
CA SER A 100 -14.93 -26.11 9.87
CA SER A 100 -14.89 -26.14 9.92
C SER A 100 -14.48 -27.36 9.13
N ASP A 101 -13.71 -27.21 8.07
CA ASP A 101 -13.22 -28.32 7.23
C ASP A 101 -11.70 -28.35 7.23
N TRP A 102 -11.10 -28.06 8.38
CA TRP A 102 -9.66 -27.94 8.48
C TRP A 102 -8.88 -29.17 8.05
N GLU A 103 -9.45 -30.37 8.18
CA GLU A 103 -8.70 -31.56 7.83
C GLU A 103 -8.30 -31.56 6.34
N SER A 104 -9.04 -30.81 5.55
CA SER A 104 -8.74 -30.64 4.13
C SER A 104 -7.38 -29.94 3.90
N LEU A 105 -6.84 -29.27 4.92
CA LEU A 105 -5.50 -28.70 4.79
C LEU A 105 -4.44 -29.77 4.62
N ASN A 106 -4.74 -31.00 5.05
CA ASN A 106 -3.82 -32.13 4.93
C ASN A 106 -4.19 -33.05 3.79
N TYR A 107 -5.17 -32.67 2.94
CA TYR A 107 -5.37 -33.40 1.71
C TYR A 107 -4.22 -33.10 0.77
N LEU A 108 -3.82 -34.10 -0.03
CA LEU A 108 -2.61 -33.95 -0.82
C LEU A 108 -2.77 -33.01 -2.01
N SER A 109 -3.97 -32.60 -2.31
CA SER A 109 -4.18 -31.47 -3.25
C SER A 109 -3.58 -30.17 -2.71
N ASN A 110 -3.45 -30.03 -1.39
CA ASN A 110 -2.87 -28.88 -0.75
C ASN A 110 -1.38 -29.07 -0.38
N ILE A 111 -0.76 -30.13 -0.90
CA ILE A 111 0.60 -30.50 -0.56
C ILE A 111 1.43 -30.61 -1.83
N THR A 112 2.72 -30.31 -1.74
CA THR A 112 3.64 -30.65 -2.82
C THR A 112 4.96 -31.13 -2.18
N PRO A 113 5.86 -31.69 -3.01
CA PRO A 113 7.18 -32.10 -2.49
C PRO A 113 8.07 -30.87 -2.51
N GLN A 114 8.22 -30.27 -1.33
CA GLN A 114 8.89 -29.02 -1.13
C GLN A 114 10.22 -29.29 -0.42
N LYS A 115 11.31 -28.77 -0.95
CA LYS A 115 12.60 -29.03 -0.34
C LYS A 115 12.53 -28.67 1.15
N SER A 116 13.05 -29.54 1.99
CA SER A 116 12.97 -29.37 3.44
C SER A 116 13.56 -28.06 3.89
N ASP A 117 14.70 -27.67 3.32
CA ASP A 117 15.36 -26.42 3.70
C ASP A 117 14.49 -25.18 3.44
N LEU A 118 13.70 -25.20 2.39
CA LEU A 118 12.72 -24.14 2.10
C LEU A 118 11.53 -24.25 3.08
N ASN A 119 10.92 -25.43 3.16
CA ASN A 119 9.72 -25.63 3.99
C ASN A 119 9.95 -25.21 5.43
N GLN A 120 11.13 -25.57 5.97
CA GLN A 120 11.40 -25.37 7.39
C GLN A 120 12.12 -24.03 7.63
N GLY A 121 12.48 -23.32 6.58
CA GLY A 121 13.26 -22.12 6.66
C GLY A 121 12.44 -20.90 6.24
N ALA A 122 12.80 -20.29 5.13
CA ALA A 122 12.16 -19.04 4.76
C ALA A 122 10.68 -19.19 4.53
N TRP A 123 10.21 -20.31 4.00
CA TRP A 123 8.78 -20.45 3.76
C TRP A 123 8.03 -20.42 5.09
N ALA A 124 8.56 -21.09 6.11
CA ALA A 124 7.96 -21.10 7.42
C ALA A 124 8.01 -19.76 8.11
N ARG A 125 9.11 -19.04 7.95
CA ARG A 125 9.19 -17.74 8.54
CA ARG A 125 9.25 -17.72 8.52
C ARG A 125 8.24 -16.75 7.92
N LEU A 126 8.03 -16.85 6.60
CA LEU A 126 7.02 -16.06 5.93
C LEU A 126 5.64 -16.42 6.44
N GLU A 127 5.33 -17.71 6.54
CA GLU A 127 4.07 -18.12 7.11
C GLU A 127 3.83 -17.51 8.49
N ASP A 128 4.87 -17.49 9.34
CA ASP A 128 4.71 -16.99 10.67
C ASP A 128 4.37 -15.49 10.62
N GLN A 129 5.04 -14.71 9.78
CA GLN A 129 4.74 -13.28 9.69
C GLN A 129 3.38 -13.01 9.06
N GLU A 130 3.00 -13.82 8.09
CA GLU A 130 1.72 -13.69 7.46
C GLU A 130 0.62 -13.87 8.47
N ARG A 131 0.76 -14.89 9.32
CA ARG A 131 -0.21 -15.16 10.36
CA ARG A 131 -0.21 -15.15 10.35
C ARG A 131 -0.23 -14.05 11.42
N LYS A 132 0.91 -13.51 11.76
CA LYS A 132 1.05 -12.49 12.78
CA LYS A 132 0.99 -12.50 12.78
C LYS A 132 0.32 -11.21 12.36
N LEU A 133 0.16 -10.94 11.06
CA LEU A 133 -0.56 -9.75 10.62
C LEU A 133 -1.94 -9.68 11.26
N ILE A 134 -2.62 -10.83 11.38
CA ILE A 134 -4.03 -10.88 11.81
C ILE A 134 -4.20 -10.52 13.25
N ASP A 135 -3.09 -10.45 14.00
CA ASP A 135 -3.13 -10.09 15.42
C ASP A 135 -3.26 -8.59 15.55
N ARG A 136 -2.97 -7.85 14.49
CA ARG A 136 -3.03 -6.41 14.60
C ARG A 136 -4.53 -5.98 14.67
N ALA A 137 -4.82 -5.03 15.55
CA ALA A 137 -6.21 -4.59 15.75
C ALA A 137 -6.87 -4.04 14.49
N ASP A 138 -6.10 -3.40 13.60
CA ASP A 138 -6.65 -2.83 12.38
C ASP A 138 -6.59 -3.67 11.13
N ILE A 139 -6.09 -4.87 11.29
CA ILE A 139 -6.13 -5.89 10.24
C ILE A 139 -7.17 -6.92 10.58
N SER A 140 -8.18 -6.97 9.75
CA SER A 140 -9.29 -7.91 9.96
C SER A 140 -9.25 -9.13 9.05
N SER A 141 -8.47 -9.06 7.98
CA SER A 141 -8.32 -10.16 7.05
C SER A 141 -6.93 -10.14 6.45
N VAL A 142 -6.43 -11.33 6.12
CA VAL A 142 -5.30 -11.51 5.22
C VAL A 142 -5.80 -12.43 4.10
N TYR A 143 -5.72 -11.97 2.86
CA TYR A 143 -6.08 -12.76 1.68
C TYR A 143 -4.82 -13.13 0.93
N THR A 144 -4.58 -14.40 0.75
CA THR A 144 -3.38 -14.88 0.11
C THR A 144 -3.72 -15.79 -1.04
N VAL A 145 -2.89 -15.78 -2.07
CA VAL A 145 -2.87 -16.78 -3.13
C VAL A 145 -1.46 -17.30 -3.15
N THR A 146 -1.33 -18.63 -3.20
CA THR A 146 -0.01 -19.26 -3.25
C THR A 146 -0.01 -20.32 -4.33
N GLY A 147 1.17 -20.66 -4.83
CA GLY A 147 1.27 -21.73 -5.80
C GLY A 147 2.68 -21.98 -6.21
N PRO A 148 2.83 -22.93 -7.13
CA PRO A 148 4.14 -23.35 -7.62
C PRO A 148 4.51 -22.66 -8.95
N LEU A 149 5.78 -22.72 -9.28
CA LEU A 149 6.30 -22.62 -10.65
C LEU A 149 6.71 -23.98 -11.13
N TYR A 150 6.67 -24.17 -12.45
CA TYR A 150 7.15 -25.39 -13.09
C TYR A 150 8.11 -25.02 -14.19
N GLU A 151 9.38 -24.83 -13.87
N GLU A 151 9.32 -24.75 -13.81
CA GLU A 151 10.38 -24.27 -14.83
CA GLU A 151 10.31 -24.39 -14.77
C GLU A 151 11.63 -25.13 -15.10
C GLU A 151 11.20 -25.59 -14.93
N ARG A 152 11.83 -26.14 -14.29
N ARG A 152 12.33 -25.67 -14.26
CA ARG A 152 12.92 -27.02 -14.57
CA ARG A 152 13.20 -26.84 -14.47
C ARG A 152 12.62 -28.31 -13.92
C ARG A 152 12.65 -28.22 -13.96
N ASP A 153 13.26 -29.31 -14.43
CA ASP A 153 13.02 -30.67 -13.94
C ASP A 153 13.68 -30.87 -12.58
N MET A 154 12.86 -31.19 -11.60
CA MET A 154 13.30 -31.38 -10.25
C MET A 154 13.45 -32.85 -9.84
N GLY A 155 13.21 -33.76 -10.76
CA GLY A 155 13.25 -35.19 -10.44
C GLY A 155 11.85 -35.73 -10.19
N LYS A 156 11.81 -37.01 -9.90
CA LYS A 156 10.54 -37.71 -9.74
C LYS A 156 10.46 -38.35 -8.37
N LEU A 157 9.28 -38.31 -7.82
CA LEU A 157 9.03 -39.07 -6.60
C LEU A 157 9.26 -40.57 -6.86
N PRO A 158 10.08 -41.24 -6.06
CA PRO A 158 10.40 -42.64 -6.35
C PRO A 158 9.25 -43.58 -6.03
N GLY A 159 8.31 -43.11 -5.22
CA GLY A 159 7.27 -43.99 -4.70
C GLY A 159 6.00 -44.04 -5.52
N THR A 160 6.02 -43.50 -6.73
CA THR A 160 4.84 -43.54 -7.58
C THR A 160 5.20 -43.84 -9.00
N GLN A 161 4.24 -44.43 -9.71
CA GLN A 161 4.31 -44.61 -11.14
C GLN A 161 3.55 -43.51 -11.89
N LYS A 162 2.85 -42.64 -11.17
CA LYS A 162 2.07 -41.57 -11.83
CA LYS A 162 2.07 -41.60 -11.84
C LYS A 162 2.98 -40.59 -12.52
N ALA A 163 2.56 -40.08 -13.65
CA ALA A 163 3.20 -38.90 -14.19
C ALA A 163 2.92 -37.73 -13.27
N HIS A 164 3.93 -36.93 -13.00
CA HIS A 164 3.78 -35.79 -12.12
C HIS A 164 4.91 -34.82 -12.38
N THR A 165 4.77 -33.60 -11.91
CA THR A 165 5.78 -32.58 -12.10
C THR A 165 6.05 -31.86 -10.81
N ILE A 166 7.20 -32.12 -10.18
CA ILE A 166 7.54 -31.45 -8.97
C ILE A 166 7.81 -29.97 -9.25
N PRO A 167 7.26 -29.05 -8.45
CA PRO A 167 7.56 -27.61 -8.63
C PRO A 167 9.03 -27.29 -8.52
N SER A 168 9.43 -26.23 -9.22
CA SER A 168 10.77 -25.66 -9.11
C SER A 168 10.86 -24.48 -8.16
N ALA A 169 9.72 -23.91 -7.77
CA ALA A 169 9.67 -22.70 -6.95
C ALA A 169 8.27 -22.55 -6.41
N TYR A 170 8.11 -21.65 -5.44
CA TYR A 170 6.85 -21.35 -4.82
C TYR A 170 6.71 -19.86 -4.59
N TRP A 171 5.49 -19.38 -4.74
CA TRP A 171 5.19 -17.96 -4.61
C TRP A 171 4.01 -17.76 -3.70
N LYS A 172 3.91 -16.55 -3.16
CA LYS A 172 2.82 -16.15 -2.30
C LYS A 172 2.54 -14.67 -2.56
N VAL A 173 1.26 -14.38 -2.80
CA VAL A 173 0.74 -13.02 -3.04
C VAL A 173 -0.26 -12.71 -1.97
N ILE A 174 -0.09 -11.60 -1.24
CA ILE A 174 -0.83 -11.34 -0.02
C ILE A 174 -1.39 -9.92 -0.07
N PHE A 175 -2.62 -9.71 0.43
CA PHE A 175 -3.05 -8.37 0.76
C PHE A 175 -3.87 -8.43 2.04
N ILE A 176 -4.10 -7.26 2.63
CA ILE A 176 -4.84 -7.15 3.87
C ILE A 176 -6.20 -6.48 3.64
N ASN A 177 -7.14 -6.85 4.51
CA ASN A 177 -8.43 -6.20 4.67
C ASN A 177 -9.39 -6.34 3.49
N ASN A 178 -9.46 -5.42 2.58
CA ASN A 178 -10.48 -5.37 1.57
C ASN A 178 -10.02 -5.72 0.15
N SER A 179 -8.98 -5.07 -0.30
CA SER A 179 -8.61 -5.17 -1.68
C SER A 179 -7.23 -4.54 -1.88
N PRO A 180 -6.38 -5.08 -2.76
CA PRO A 180 -5.13 -4.41 -3.07
C PRO A 180 -5.34 -3.10 -3.82
N ALA A 181 -6.56 -2.82 -4.28
CA ALA A 181 -6.84 -1.51 -4.88
C ALA A 181 -6.63 -0.40 -3.87
N VAL A 182 -6.82 -0.69 -2.57
CA VAL A 182 -6.73 0.30 -1.53
C VAL A 182 -5.81 -0.08 -0.36
N ASN A 183 -5.45 -1.34 -0.23
CA ASN A 183 -4.74 -1.89 0.92
C ASN A 183 -3.37 -2.43 0.54
N HIS A 184 -2.48 -2.44 1.53
CA HIS A 184 -1.14 -2.93 1.35
C HIS A 184 -1.13 -4.38 0.84
N TYR A 185 -0.11 -4.67 0.03
CA TYR A 185 0.05 -5.98 -0.57
C TYR A 185 1.53 -6.35 -0.66
N ALA A 186 1.75 -7.62 -0.94
CA ALA A 186 3.10 -8.21 -1.05
C ALA A 186 3.09 -9.34 -2.04
N ALA A 187 4.26 -9.66 -2.57
CA ALA A 187 4.47 -10.88 -3.33
C ALA A 187 5.89 -11.36 -3.08
N PHE A 188 6.00 -12.69 -2.97
CA PHE A 188 7.28 -13.36 -2.70
C PHE A 188 7.40 -14.55 -3.63
N LEU A 189 8.65 -14.90 -3.99
CA LEU A 189 8.93 -16.04 -4.86
C LEU A 189 10.26 -16.66 -4.40
N PHE A 190 10.21 -17.96 -4.15
CA PHE A 190 11.38 -18.69 -3.65
C PHE A 190 11.68 -19.89 -4.52
N ASP A 191 12.92 -20.03 -4.97
CA ASP A 191 13.33 -21.26 -5.61
C ASP A 191 13.25 -22.42 -4.59
N GLN A 192 13.05 -23.62 -5.10
CA GLN A 192 13.18 -24.83 -4.29
C GLN A 192 14.47 -24.89 -3.54
N ASN A 193 15.57 -24.41 -4.11
CA ASN A 193 16.89 -24.55 -3.50
C ASN A 193 17.29 -23.44 -2.58
N THR A 194 16.32 -22.68 -2.10
CA THR A 194 16.58 -21.63 -1.12
C THR A 194 17.25 -22.17 0.12
N PRO A 195 18.34 -21.57 0.57
CA PRO A 195 19.06 -22.06 1.74
C PRO A 195 18.24 -22.00 2.99
N LYS A 196 18.50 -22.93 3.91
CA LYS A 196 17.69 -23.01 5.11
C LYS A 196 17.63 -21.72 5.94
N GLY A 197 18.75 -20.99 6.02
CA GLY A 197 18.84 -19.80 6.83
C GLY A 197 18.45 -18.53 6.12
N ALA A 198 17.82 -18.65 4.97
CA ALA A 198 17.51 -17.49 4.18
C ALA A 198 16.51 -16.58 4.84
N ASP A 199 16.67 -15.29 4.61
CA ASP A 199 15.72 -14.26 5.08
C ASP A 199 14.66 -14.05 4.02
N PHE A 200 13.40 -14.30 4.37
CA PHE A 200 12.33 -14.24 3.39
C PHE A 200 12.18 -12.86 2.79
N CYS A 201 12.64 -11.82 3.45
CA CYS A 201 12.54 -10.48 2.94
CA CYS A 201 12.59 -10.46 2.97
C CYS A 201 13.37 -10.26 1.70
N GLN A 202 14.29 -11.14 1.40
CA GLN A 202 15.12 -11.02 0.23
C GLN A 202 14.50 -11.62 -1.03
N PHE A 203 13.25 -12.04 -0.96
CA PHE A 203 12.57 -12.74 -2.01
C PHE A 203 11.30 -12.02 -2.49
N ARG A 204 11.24 -10.72 -2.28
CA ARG A 204 10.10 -9.92 -2.70
C ARG A 204 10.13 -9.75 -4.22
N VAL A 205 8.95 -9.88 -4.85
CA VAL A 205 8.80 -9.72 -6.30
C VAL A 205 7.50 -8.95 -6.55
N THR A 206 7.18 -8.76 -7.81
CA THR A 206 5.91 -8.23 -8.23
C THR A 206 4.91 -9.35 -8.53
N VAL A 207 3.63 -9.00 -8.45
CA VAL A 207 2.58 -9.88 -8.90
C VAL A 207 2.73 -10.19 -10.37
N ASP A 208 3.09 -9.17 -11.16
CA ASP A 208 3.29 -9.35 -12.59
C ASP A 208 4.31 -10.43 -12.90
N GLU A 209 5.43 -10.47 -12.18
CA GLU A 209 6.42 -11.54 -12.42
C GLU A 209 5.81 -12.91 -12.22
N ILE A 210 5.05 -13.09 -11.13
CA ILE A 210 4.42 -14.36 -10.87
C ILE A 210 3.44 -14.74 -11.98
N GLU A 211 2.63 -13.79 -12.41
CA GLU A 211 1.68 -14.03 -13.51
C GLU A 211 2.41 -14.49 -14.74
N LYS A 212 3.48 -13.77 -15.10
N LYS A 212 3.52 -13.79 -15.05
CA LYS A 212 4.23 -14.11 -16.31
CA LYS A 212 4.28 -14.04 -16.27
C LYS A 212 4.78 -15.54 -16.25
C LYS A 212 5.11 -15.32 -16.22
N ARG A 213 5.19 -15.97 -15.06
CA ARG A 213 5.84 -17.25 -14.87
C ARG A 213 4.87 -18.38 -14.59
N THR A 214 3.59 -18.11 -14.50
CA THR A 214 2.58 -19.13 -14.23
C THR A 214 1.48 -19.24 -15.26
N GLY A 215 1.27 -18.19 -16.09
CA GLY A 215 0.11 -18.17 -16.95
C GLY A 215 -1.18 -17.83 -16.27
N LEU A 216 -1.12 -17.34 -15.03
CA LEU A 216 -2.29 -16.96 -14.28
C LEU A 216 -2.52 -15.46 -14.32
N ILE A 217 -3.75 -15.05 -14.04
CA ILE A 217 -4.08 -13.67 -13.68
C ILE A 217 -4.63 -13.73 -12.27
N ILE A 218 -3.88 -13.17 -11.34
CA ILE A 218 -4.23 -13.15 -9.93
CA ILE A 218 -4.21 -13.13 -9.90
C ILE A 218 -5.10 -11.92 -9.67
N TRP A 219 -5.99 -11.97 -8.68
CA TRP A 219 -6.83 -10.79 -8.40
C TRP A 219 -7.62 -10.38 -9.65
N ALA A 220 -8.21 -11.38 -10.30
CA ALA A 220 -8.70 -11.22 -11.66
C ALA A 220 -9.98 -10.42 -11.76
N GLY A 221 -10.62 -10.08 -10.66
CA GLY A 221 -11.78 -9.22 -10.65
C GLY A 221 -11.45 -7.75 -10.50
N LEU A 222 -10.20 -7.37 -10.33
CA LEU A 222 -9.83 -5.97 -10.22
C LEU A 222 -10.05 -5.25 -11.56
N PRO A 223 -10.41 -3.98 -11.52
CA PRO A 223 -10.43 -3.17 -12.76
C PRO A 223 -9.12 -3.22 -13.46
N ASP A 224 -9.17 -3.09 -14.79
CA ASP A 224 -7.97 -3.14 -15.60
C ASP A 224 -6.94 -2.12 -15.19
N ASP A 225 -7.38 -0.88 -14.92
CA ASP A 225 -6.45 0.17 -14.57
C ASP A 225 -5.71 -0.15 -13.27
N VAL A 226 -6.42 -0.73 -12.31
CA VAL A 226 -5.82 -1.11 -11.02
C VAL A 226 -4.79 -2.21 -11.23
N GLN A 227 -5.16 -3.20 -12.04
CA GLN A 227 -4.24 -4.28 -12.31
C GLN A 227 -2.96 -3.72 -12.95
N ALA A 228 -3.13 -2.91 -13.98
CA ALA A 228 -2.00 -2.36 -14.73
C ALA A 228 -1.13 -1.45 -13.82
N SER A 229 -1.76 -0.70 -12.92
CA SER A 229 -1.07 0.26 -12.07
C SER A 229 -0.23 -0.46 -11.00
N LEU A 230 -0.77 -1.47 -10.34
CA LEU A 230 -0.23 -2.06 -9.14
C LEU A 230 0.53 -3.35 -9.29
N LYS A 231 0.19 -4.15 -10.29
CA LYS A 231 0.85 -5.43 -10.35
C LYS A 231 2.30 -5.40 -10.73
N SER A 232 2.76 -4.33 -11.36
CA SER A 232 4.18 -4.21 -11.67
C SER A 232 4.95 -3.42 -10.61
N LYS A 233 4.29 -3.08 -9.50
CA LYS A 233 4.92 -2.31 -8.48
C LYS A 233 5.03 -3.16 -7.23
N PRO A 234 6.22 -3.42 -6.73
CA PRO A 234 6.30 -4.19 -5.51
C PRO A 234 5.57 -3.46 -4.35
N GLY A 235 4.92 -4.19 -3.51
CA GLY A 235 4.12 -3.61 -2.45
C GLY A 235 4.90 -3.33 -1.18
N VAL A 236 4.21 -2.69 -0.24
CA VAL A 236 4.80 -2.29 1.03
C VAL A 236 4.34 -3.14 2.22
N LEU A 237 3.44 -4.10 2.02
CA LEU A 237 3.06 -4.97 3.13
C LEU A 237 4.28 -5.65 3.78
N PRO A 238 5.35 -6.01 3.06
CA PRO A 238 6.47 -6.66 3.75
C PRO A 238 7.07 -5.82 4.87
N GLU A 239 7.02 -4.50 4.74
CA GLU A 239 7.53 -3.65 5.81
C GLU A 239 6.78 -3.82 7.10
N LEU A 240 5.53 -4.24 7.06
CA LEU A 240 4.74 -4.53 8.26
C LEU A 240 4.97 -5.96 8.79
N MET A 241 5.72 -6.72 8.04
CA MET A 241 6.08 -8.09 8.35
C MET A 241 7.53 -8.19 8.80
N GLY A 242 8.12 -7.05 9.16
CA GLY A 242 9.47 -7.01 9.69
C GLY A 242 10.55 -6.74 8.68
N CYS A 243 10.22 -6.63 7.38
CA CYS A 243 11.25 -6.42 6.38
C CYS A 243 11.73 -4.98 6.37
N LYS A 244 13.04 -4.84 6.28
CA LYS A 244 13.70 -3.54 6.38
C LYS A 244 14.59 -3.26 5.19
N SER B 5 -16.37 18.09 16.66
CA SER B 5 -14.94 17.86 16.53
C SER B 5 -14.63 17.55 15.07
N ILE B 6 -13.75 18.36 14.48
CA ILE B 6 -13.38 18.13 13.13
C ILE B 6 -11.99 17.52 13.13
N ASP B 7 -11.89 16.37 12.49
CA ASP B 7 -10.63 15.65 12.40
C ASP B 7 -10.19 15.60 10.93
N ASN B 8 -9.28 16.48 10.57
CA ASN B 8 -8.75 16.55 9.23
C ASN B 8 -7.54 15.68 9.00
N CYS B 9 -7.16 14.85 9.97
CA CYS B 9 -5.92 14.09 9.92
C CYS B 9 -6.06 12.58 10.00
N ALA B 10 -7.09 12.11 10.71
CA ALA B 10 -7.42 10.70 10.97
C ALA B 10 -6.47 9.95 11.89
N VAL B 11 -5.16 10.12 11.69
CA VAL B 11 -4.13 9.35 12.40
C VAL B 11 -3.19 10.27 13.18
N GLY B 12 -3.73 11.43 13.58
CA GLY B 12 -3.01 12.38 14.43
C GLY B 12 -2.42 13.48 13.59
N CYS B 13 -2.70 14.72 13.91
N CYS B 13 -2.67 14.70 14.02
CA CYS B 13 -2.10 15.79 13.18
CA CYS B 13 -2.08 15.88 13.44
C CYS B 13 -0.62 15.89 13.53
C CYS B 13 -0.56 15.83 13.55
N PRO B 14 0.16 16.50 12.65
CA PRO B 14 1.61 16.53 12.84
C PRO B 14 2.00 17.19 14.16
N THR B 15 3.09 16.69 14.71
CA THR B 15 3.79 17.39 15.79
C THR B 15 4.97 18.13 15.22
N GLY B 16 5.50 19.07 16.02
CA GLY B 16 6.69 19.77 15.67
C GLY B 16 6.47 21.15 15.09
N GLY B 17 5.21 21.56 14.95
CA GLY B 17 4.89 22.90 14.53
C GLY B 17 5.40 23.94 15.52
N SER B 18 5.67 25.14 15.02
CA SER B 18 6.13 26.21 15.83
C SER B 18 5.08 26.75 16.75
N SER B 19 3.79 26.58 16.40
CA SER B 19 2.73 26.99 17.28
C SER B 19 2.23 25.78 18.05
N ASN B 20 1.95 25.99 19.34
CA ASN B 20 1.43 24.89 20.12
C ASN B 20 -0.10 24.71 19.94
N VAL B 21 -0.79 25.67 19.32
CA VAL B 21 -2.21 25.55 19.00
C VAL B 21 -2.33 25.60 17.47
N SER B 22 -3.24 24.82 16.90
CA SER B 22 -3.56 24.82 15.48
C SER B 22 -4.97 25.36 15.27
N ILE B 23 -5.24 25.89 14.09
CA ILE B 23 -6.55 26.36 13.67
C ILE B 23 -7.26 25.21 13.00
N VAL B 24 -8.47 24.91 13.46
CA VAL B 24 -9.27 23.81 12.95
C VAL B 24 -10.53 24.36 12.27
N ARG B 25 -10.66 24.07 10.97
CA ARG B 25 -11.75 24.46 10.14
C ARG B 25 -12.28 23.25 9.42
N HIS B 26 -13.49 23.36 8.85
CA HIS B 26 -13.95 22.30 7.95
C HIS B 26 -13.02 22.19 6.73
N ALA B 27 -12.49 23.28 6.25
CA ALA B 27 -11.65 23.23 5.06
C ALA B 27 -10.30 22.58 5.29
N TYR B 28 -9.74 22.73 6.49
CA TYR B 28 -8.38 22.29 6.80
C TYR B 28 -8.11 22.54 8.27
N THR B 29 -6.99 21.93 8.74
CA THR B 29 -6.38 22.28 10.01
C THR B 29 -4.99 22.83 9.68
N LEU B 30 -4.59 23.93 10.26
N LEU B 30 -4.58 23.88 10.39
CA LEU B 30 -3.24 24.39 9.99
CA LEU B 30 -3.46 24.70 9.97
C LEU B 30 -2.56 24.86 11.25
C LEU B 30 -2.58 25.11 11.20
N ASN B 31 -1.26 24.94 11.12
CA ASN B 31 -0.38 25.35 12.19
C ASN B 31 0.46 26.51 11.71
N ASN B 32 0.26 27.69 12.25
CA ASN B 32 0.92 28.88 11.76
C ASN B 32 2.33 29.04 12.29
N ASN B 33 3.15 29.75 11.52
CA ASN B 33 4.48 30.16 11.96
C ASN B 33 4.55 31.67 11.96
N SER B 34 4.60 32.25 13.15
CA SER B 34 4.60 33.72 13.27
CA SER B 34 4.61 33.71 13.31
C SER B 34 5.91 34.37 12.84
N THR B 35 6.97 33.57 12.72
CA THR B 35 8.27 34.07 12.24
C THR B 35 8.31 34.11 10.72
N THR B 36 8.05 32.98 10.07
CA THR B 36 8.07 32.96 8.61
C THR B 36 6.88 33.71 7.99
N LYS B 37 5.78 33.73 8.72
CA LYS B 37 4.46 34.28 8.32
C LYS B 37 3.68 33.32 7.43
N PHE B 38 4.05 32.03 7.39
CA PHE B 38 3.41 31.04 6.56
C PHE B 38 3.11 29.82 7.42
N ALA B 39 2.13 29.03 7.01
CA ALA B 39 1.81 27.83 7.79
C ALA B 39 2.93 26.79 7.71
N ASN B 40 3.25 26.18 8.83
CA ASN B 40 4.18 25.07 8.91
C ASN B 40 3.65 23.81 8.22
N TRP B 41 2.36 23.60 8.36
CA TRP B 41 1.67 22.48 7.74
C TRP B 41 0.20 22.81 7.69
N VAL B 42 -0.45 22.19 6.71
CA VAL B 42 -1.89 22.30 6.48
C VAL B 42 -2.37 20.90 6.17
N ALA B 43 -3.35 20.43 6.90
CA ALA B 43 -3.90 19.08 6.75
C ALA B 43 -5.35 19.20 6.30
N TYR B 44 -5.74 18.35 5.39
CA TYR B 44 -7.10 18.40 4.83
C TYR B 44 -7.56 17.03 4.40
N HIS B 45 -8.89 16.97 4.21
CA HIS B 45 -9.59 15.71 4.02
C HIS B 45 -10.58 15.90 2.86
N ILE B 46 -10.26 15.30 1.72
CA ILE B 46 -11.13 15.33 0.53
C ILE B 46 -12.09 14.15 0.64
N THR B 47 -13.37 14.43 0.40
CA THR B 47 -14.38 13.40 0.28
C THR B 47 -15.24 13.76 -0.93
N LYS B 48 -16.19 12.92 -1.28
CA LYS B 48 -17.02 13.21 -2.46
C LYS B 48 -17.71 14.57 -2.39
N ASP B 49 -17.98 15.02 -1.18
CA ASP B 49 -18.69 16.27 -0.95
C ASP B 49 -17.86 17.53 -0.93
N THR B 50 -16.54 17.40 -0.98
CA THR B 50 -15.70 18.57 -0.77
C THR B 50 -15.28 19.30 -2.06
N PRO B 51 -15.13 18.66 -3.23
CA PRO B 51 -14.69 19.46 -4.38
C PRO B 51 -15.79 20.44 -4.82
N ALA B 52 -15.33 21.58 -5.32
CA ALA B 52 -16.21 22.59 -5.96
C ALA B 52 -15.35 23.41 -6.90
N SER B 53 -15.81 23.50 -8.14
CA SER B 53 -15.06 24.20 -9.17
C SER B 53 -15.52 25.65 -9.31
N GLY B 54 -14.61 26.48 -9.79
CA GLY B 54 -14.97 27.83 -10.19
C GLY B 54 -15.27 28.79 -9.06
N LYS B 55 -14.77 28.52 -7.87
CA LYS B 55 -14.94 29.48 -6.78
C LYS B 55 -14.04 30.69 -6.99
N THR B 56 -14.44 31.80 -6.43
CA THR B 56 -13.66 33.00 -6.54
C THR B 56 -12.55 33.06 -5.46
N ARG B 57 -11.64 33.99 -5.66
CA ARG B 57 -10.45 34.09 -4.85
CA ARG B 57 -10.44 34.10 -4.85
C ARG B 57 -10.27 35.47 -4.23
N ASN B 58 -11.01 35.73 -3.16
CA ASN B 58 -10.86 36.96 -2.41
C ASN B 58 -9.84 36.75 -1.30
N TRP B 59 -8.59 37.05 -1.59
CA TRP B 59 -7.52 36.94 -0.63
C TRP B 59 -7.86 37.80 0.56
N LYS B 60 -7.62 37.28 1.77
CA LYS B 60 -7.95 37.99 2.99
CA LYS B 60 -7.91 38.02 3.00
C LYS B 60 -6.97 37.59 4.10
N THR B 61 -6.63 38.53 4.96
CA THR B 61 -5.88 38.20 6.20
C THR B 61 -6.73 37.25 7.03
N ASP B 62 -6.09 36.22 7.60
CA ASP B 62 -6.84 35.26 8.43
C ASP B 62 -7.27 35.93 9.70
N PRO B 63 -8.56 36.06 9.96
CA PRO B 63 -9.04 36.76 11.17
C PRO B 63 -8.77 36.05 12.47
N ALA B 64 -8.40 34.78 12.43
CA ALA B 64 -8.10 34.01 13.61
C ALA B 64 -6.70 34.18 14.13
N LEU B 65 -5.85 34.86 13.38
CA LEU B 65 -4.46 35.03 13.77
C LEU B 65 -4.28 36.49 14.16
N ASN B 66 -3.23 36.76 14.92
CA ASN B 66 -2.81 38.15 15.13
C ASN B 66 -2.28 38.67 13.82
N PRO B 67 -2.70 39.85 13.36
CA PRO B 67 -2.26 40.30 12.04
C PRO B 67 -0.76 40.47 11.95
N ALA B 68 -0.05 40.64 13.04
CA ALA B 68 1.41 40.72 13.03
C ALA B 68 2.09 39.39 12.71
N ASP B 69 1.35 38.30 12.77
CA ASP B 69 1.91 36.98 12.68
C ASP B 69 1.60 36.27 11.34
N THR B 70 1.03 37.01 10.39
CA THR B 70 0.60 36.46 9.12
C THR B 70 0.62 37.59 8.09
N LEU B 71 0.48 37.28 6.83
CA LEU B 71 0.45 38.31 5.80
C LEU B 71 -0.96 38.84 5.54
N ALA B 72 -0.97 40.03 4.93
CA ALA B 72 -2.17 40.68 4.45
C ALA B 72 -2.08 40.79 2.91
N PRO B 73 -3.23 41.00 2.26
CA PRO B 73 -3.17 41.07 0.77
C PRO B 73 -2.19 42.10 0.24
N ALA B 74 -2.08 43.24 0.88
CA ALA B 74 -1.14 44.25 0.43
C ALA B 74 0.27 43.73 0.30
N ASP B 75 0.64 42.74 1.13
CA ASP B 75 2.02 42.29 1.16
C ASP B 75 2.48 41.61 -0.10
N TYR B 76 1.57 41.18 -0.96
CA TYR B 76 1.87 40.55 -2.23
C TYR B 76 2.05 41.53 -3.37
N THR B 77 1.89 42.83 -3.16
CA THR B 77 1.99 43.78 -4.27
C THR B 77 3.38 43.70 -4.89
N GLY B 78 3.43 43.57 -6.22
CA GLY B 78 4.68 43.51 -6.93
C GLY B 78 5.40 42.19 -6.92
N ALA B 79 4.90 41.20 -6.18
CA ALA B 79 5.64 39.95 -6.01
C ALA B 79 5.72 39.14 -7.31
N ASN B 80 4.63 39.06 -8.05
CA ASN B 80 4.66 38.32 -9.29
C ASN B 80 5.70 38.90 -10.23
N ALA B 81 5.71 40.22 -10.40
CA ALA B 81 6.65 40.83 -11.31
C ALA B 81 8.08 40.64 -10.89
N ALA B 82 8.35 40.80 -9.60
CA ALA B 82 9.74 40.75 -9.10
C ALA B 82 10.30 39.36 -8.95
N LEU B 83 9.45 38.44 -8.46
CA LEU B 83 9.90 37.12 -8.02
C LEU B 83 9.31 35.98 -8.83
N LYS B 84 8.38 36.24 -9.73
CA LYS B 84 7.74 35.22 -10.53
C LYS B 84 7.03 34.18 -9.63
N VAL B 85 6.37 34.70 -8.61
CA VAL B 85 5.56 33.92 -7.70
C VAL B 85 4.09 34.26 -7.87
N ASP B 86 3.27 33.27 -7.50
CA ASP B 86 1.85 33.38 -7.38
C ASP B 86 1.47 33.28 -5.91
N ARG B 87 0.24 33.66 -5.60
CA ARG B 87 -0.39 33.39 -4.32
C ARG B 87 -0.82 31.93 -4.37
N GLY B 88 0.03 31.03 -3.88
CA GLY B 88 -0.19 29.62 -4.01
C GLY B 88 -0.89 29.01 -2.81
N HIS B 89 -1.97 28.31 -3.07
CA HIS B 89 -2.69 27.60 -2.03
C HIS B 89 -1.86 26.43 -1.51
N GLN B 90 -1.96 26.23 -0.18
CA GLN B 90 -1.50 25.01 0.47
C GLN B 90 -2.58 23.93 0.50
N ALA B 91 -3.71 24.13 1.16
CA ALA B 91 -4.90 23.32 0.93
C ALA B 91 -5.56 23.81 -0.36
N PRO B 92 -5.83 22.91 -1.31
CA PRO B 92 -6.26 23.34 -2.67
C PRO B 92 -7.73 23.71 -2.72
N LEU B 93 -8.00 24.86 -3.31
CA LEU B 93 -9.33 25.43 -3.37
C LEU B 93 -10.33 24.48 -3.99
N ALA B 94 -10.07 24.01 -5.20
CA ALA B 94 -11.06 23.27 -5.93
C ALA B 94 -11.35 21.89 -5.36
N SER B 95 -10.48 21.37 -4.52
CA SER B 95 -10.70 20.08 -3.90
C SER B 95 -11.55 20.14 -2.65
N LEU B 96 -11.68 21.33 -2.08
CA LEU B 96 -12.21 21.52 -0.73
C LEU B 96 -13.33 22.50 -0.64
N ALA B 97 -13.59 23.31 -1.67
CA ALA B 97 -14.46 24.45 -1.53
C ALA B 97 -15.94 24.13 -1.44
N GLY B 98 -16.31 22.86 -1.43
CA GLY B 98 -17.66 22.47 -1.11
C GLY B 98 -17.97 22.53 0.39
N VAL B 99 -16.99 22.70 1.24
CA VAL B 99 -17.22 22.74 2.69
C VAL B 99 -17.80 24.06 3.12
N SER B 100 -18.28 24.08 4.36
CA SER B 100 -18.97 25.27 4.82
CA SER B 100 -18.93 25.20 4.98
C SER B 100 -18.12 26.47 5.15
N ASP B 101 -16.84 26.33 5.35
CA ASP B 101 -16.09 27.60 5.57
C ASP B 101 -15.20 27.94 4.44
N TRP B 102 -15.65 27.68 3.19
CA TRP B 102 -14.71 27.55 2.12
C TRP B 102 -13.89 28.78 1.88
N GLU B 103 -14.41 29.98 2.17
CA GLU B 103 -13.65 31.18 1.88
C GLU B 103 -12.34 31.23 2.64
N SER B 104 -12.24 30.44 3.73
CA SER B 104 -11.00 30.33 4.47
C SER B 104 -9.89 29.72 3.66
N LEU B 105 -10.19 29.05 2.56
CA LEU B 105 -9.16 28.55 1.67
C LEU B 105 -8.34 29.68 1.03
N ASN B 106 -8.94 30.89 0.97
CA ASN B 106 -8.28 32.06 0.42
C ASN B 106 -7.79 33.01 1.49
N TYR B 107 -7.81 32.59 2.77
CA TYR B 107 -7.08 33.32 3.79
C TYR B 107 -5.60 33.13 3.58
N LEU B 108 -4.81 34.17 3.88
CA LEU B 108 -3.38 34.12 3.56
C LEU B 108 -2.59 33.20 4.46
N SER B 109 -3.18 32.72 5.54
CA SER B 109 -2.57 31.61 6.31
C SER B 109 -2.48 30.35 5.45
N ASN B 110 -3.32 30.20 4.42
CA ASN B 110 -3.31 29.07 3.53
C ASN B 110 -2.57 29.36 2.21
N ILE B 111 -1.85 30.46 2.14
CA ILE B 111 -1.17 30.89 0.92
C ILE B 111 0.31 31.09 1.19
N THR B 112 1.15 30.86 0.19
CA THR B 112 2.55 31.27 0.27
C THR B 112 2.94 31.81 -1.08
N PRO B 113 4.10 32.47 -1.18
CA PRO B 113 4.63 32.94 -2.48
C PRO B 113 5.31 31.80 -3.18
N GLN B 114 4.56 31.14 -4.07
CA GLN B 114 4.97 29.92 -4.74
C GLN B 114 5.31 30.25 -6.20
N LYS B 115 6.48 29.85 -6.66
CA LYS B 115 6.86 30.14 -8.05
C LYS B 115 5.74 29.73 -8.98
N SER B 116 5.40 30.60 -9.91
CA SER B 116 4.29 30.38 -10.84
C SER B 116 4.48 29.10 -11.61
N ASP B 117 5.71 28.79 -12.03
CA ASP B 117 5.94 27.59 -12.85
C ASP B 117 5.68 26.32 -12.04
N LEU B 118 5.85 26.36 -10.73
CA LEU B 118 5.49 25.23 -9.85
C LEU B 118 3.99 25.20 -9.64
N ASN B 119 3.41 26.32 -9.21
CA ASN B 119 1.99 26.43 -8.91
C ASN B 119 1.14 25.96 -10.06
N GLN B 120 1.49 26.41 -11.26
CA GLN B 120 0.70 26.15 -12.44
C GLN B 120 1.12 24.90 -13.18
N GLY B 121 2.20 24.25 -12.76
CA GLY B 121 2.79 23.09 -13.41
C GLY B 121 2.60 21.85 -12.58
N ALA B 122 3.70 21.26 -12.13
CA ALA B 122 3.63 19.99 -11.46
C ALA B 122 2.77 20.02 -10.20
N TRP B 123 2.78 21.12 -9.45
CA TRP B 123 1.98 21.18 -8.24
C TRP B 123 0.50 21.04 -8.57
N ALA B 124 0.06 21.74 -9.63
CA ALA B 124 -1.31 21.66 -10.09
C ALA B 124 -1.65 20.30 -10.64
N ARG B 125 -0.75 19.67 -11.37
CA ARG B 125 -1.03 18.36 -11.90
CA ARG B 125 -1.01 18.34 -11.91
C ARG B 125 -1.16 17.32 -10.78
N LEU B 126 -0.35 17.44 -9.73
CA LEU B 126 -0.49 16.58 -8.55
C LEU B 126 -1.82 16.85 -7.88
N GLU B 127 -2.21 18.11 -7.68
CA GLU B 127 -3.51 18.42 -7.11
C GLU B 127 -4.63 17.79 -7.91
N ASP B 128 -4.55 17.82 -9.23
CA ASP B 128 -5.61 17.25 -10.04
C ASP B 128 -5.72 15.76 -9.82
N GLN B 129 -4.60 15.05 -9.77
CA GLN B 129 -4.66 13.61 -9.56
C GLN B 129 -5.08 13.26 -8.14
N GLU B 130 -4.66 14.05 -7.17
CA GLU B 130 -5.05 13.86 -5.80
C GLU B 130 -6.56 13.94 -5.69
N ARG B 131 -7.17 14.95 -6.30
CA ARG B 131 -8.59 15.10 -6.26
C ARG B 131 -9.31 14.03 -7.02
N LYS B 132 -8.78 13.56 -8.14
CA LYS B 132 -9.40 12.53 -8.92
C LYS B 132 -9.45 11.19 -8.21
N LEU B 133 -8.61 10.94 -7.23
CA LEU B 133 -8.69 9.70 -6.46
C LEU B 133 -10.08 9.48 -5.90
N ILE B 134 -10.75 10.58 -5.47
CA ILE B 134 -12.03 10.49 -4.76
C ILE B 134 -13.13 9.99 -5.71
N ASP B 135 -12.88 10.02 -7.04
CA ASP B 135 -13.83 9.45 -8.02
C ASP B 135 -13.74 7.93 -8.16
N ARG B 136 -12.70 7.29 -7.62
CA ARG B 136 -12.64 5.82 -7.61
C ARG B 136 -13.73 5.33 -6.58
N ALA B 137 -14.58 4.36 -6.97
CA ALA B 137 -15.71 3.92 -6.10
C ALA B 137 -15.27 3.41 -4.71
N ASP B 138 -14.07 2.82 -4.62
CA ASP B 138 -13.59 2.29 -3.34
C ASP B 138 -12.75 3.22 -2.52
N ILE B 139 -12.57 4.43 -3.01
CA ILE B 139 -11.89 5.47 -2.27
C ILE B 139 -12.91 6.45 -1.74
N SER B 140 -13.04 6.51 -0.42
CA SER B 140 -14.00 7.40 0.22
C SER B 140 -13.39 8.63 0.88
N SER B 141 -12.08 8.63 1.03
CA SER B 141 -11.40 9.78 1.61
C SER B 141 -10.00 9.86 1.03
N VAL B 142 -9.50 11.09 0.92
CA VAL B 142 -8.10 11.38 0.74
C VAL B 142 -7.69 12.28 1.88
N TYR B 143 -6.69 11.88 2.66
CA TYR B 143 -6.15 12.66 3.74
C TYR B 143 -4.74 13.13 3.36
N THR B 144 -4.53 14.44 3.37
CA THR B 144 -3.29 15.02 2.93
C THR B 144 -2.74 15.96 4.00
N VAL B 145 -1.42 16.02 4.10
CA VAL B 145 -0.73 17.07 4.83
C VAL B 145 0.26 17.69 3.87
N THR B 146 0.34 19.00 3.87
CA THR B 146 1.23 19.72 2.95
C THR B 146 1.91 20.86 3.71
N GLY B 147 3.05 21.30 3.22
CA GLY B 147 3.69 22.43 3.82
C GLY B 147 4.95 22.83 3.08
N PRO B 148 5.61 23.86 3.62
CA PRO B 148 6.83 24.41 3.04
C PRO B 148 8.08 23.85 3.70
N LEU B 149 9.19 24.11 3.02
CA LEU B 149 10.55 23.97 3.56
C LEU B 149 11.27 25.28 3.40
N TYR B 150 12.27 25.48 4.25
CA TYR B 150 13.05 26.73 4.29
C TYR B 150 14.50 26.25 4.35
N GLU B 151 15.12 26.13 3.17
CA GLU B 151 16.48 25.59 3.11
C GLU B 151 17.48 26.45 2.35
N ARG B 152 17.06 27.56 1.78
CA ARG B 152 18.00 28.51 1.15
C ARG B 152 17.31 29.85 1.08
N ASP B 153 18.11 30.88 0.94
CA ASP B 153 17.59 32.22 0.85
C ASP B 153 16.84 32.41 -0.46
N MET B 154 15.59 32.77 -0.35
CA MET B 154 14.74 32.93 -1.49
C MET B 154 14.40 34.37 -1.83
N GLY B 155 14.93 35.33 -1.11
CA GLY B 155 14.57 36.73 -1.33
C GLY B 155 13.33 37.09 -0.56
N LYS B 156 12.87 38.32 -0.74
CA LYS B 156 11.80 38.90 0.07
C LYS B 156 10.72 39.47 -0.83
N LEU B 157 9.47 39.39 -0.36
CA LEU B 157 8.37 40.06 -1.01
C LEU B 157 8.68 41.55 -1.02
N PRO B 158 8.59 42.22 -2.18
CA PRO B 158 8.97 43.64 -2.23
C PRO B 158 7.93 44.53 -1.60
N GLY B 159 6.69 44.07 -1.47
CA GLY B 159 5.56 44.84 -1.06
C GLY B 159 5.27 44.90 0.39
N THR B 160 6.20 44.42 1.21
CA THR B 160 5.98 44.41 2.66
C THR B 160 7.22 44.84 3.40
N GLN B 161 6.99 45.38 4.59
CA GLN B 161 8.05 45.60 5.54
C GLN B 161 8.12 44.53 6.63
N LYS B 162 7.18 43.61 6.63
CA LYS B 162 7.12 42.60 7.64
CA LYS B 162 7.14 42.50 7.64
C LYS B 162 8.29 41.60 7.42
N ALA B 163 8.88 41.12 8.51
CA ALA B 163 9.83 40.02 8.46
C ALA B 163 9.10 38.75 8.03
N HIS B 164 9.66 38.00 7.09
CA HIS B 164 9.03 36.80 6.60
C HIS B 164 10.09 35.94 5.93
N THR B 165 9.74 34.71 5.64
CA THR B 165 10.69 33.81 4.99
C THR B 165 9.96 33.09 3.88
N ILE B 166 10.36 33.33 2.64
CA ILE B 166 9.76 32.63 1.52
C ILE B 166 10.23 31.19 1.47
N PRO B 167 9.34 30.21 1.31
CA PRO B 167 9.76 28.82 1.19
C PRO B 167 10.70 28.59 0.04
N SER B 168 11.56 27.57 0.17
CA SER B 168 12.38 27.09 -0.90
C SER B 168 11.85 25.86 -1.60
N ALA B 169 10.86 25.18 -0.98
CA ALA B 169 10.31 23.94 -1.50
C ALA B 169 8.99 23.68 -0.81
N TYR B 170 8.24 22.72 -1.35
CA TYR B 170 6.96 22.30 -0.82
C TYR B 170 6.85 20.79 -0.83
N TRP B 171 6.10 20.25 0.10
CA TRP B 171 5.95 18.81 0.23
C TRP B 171 4.47 18.49 0.41
N LYS B 172 4.12 17.25 0.10
CA LYS B 172 2.75 16.78 0.24
C LYS B 172 2.78 15.28 0.54
N VAL B 173 2.06 14.90 1.60
CA VAL B 173 1.96 13.51 2.07
C VAL B 173 0.49 13.13 2.02
N ILE B 174 0.16 12.02 1.38
CA ILE B 174 -1.21 11.64 1.08
C ILE B 174 -1.46 10.20 1.49
N PHE B 175 -2.65 9.90 2.00
CA PHE B 175 -3.10 8.52 2.06
C PHE B 175 -4.59 8.48 1.80
N ILE B 176 -5.09 7.29 1.53
CA ILE B 176 -6.51 7.12 1.20
C ILE B 176 -7.22 6.35 2.35
N ASN B 177 -8.52 6.62 2.42
CA ASN B 177 -9.47 5.88 3.25
C ASN B 177 -9.25 6.02 4.76
N ASN B 178 -8.63 5.09 5.44
CA ASN B 178 -8.57 5.03 6.87
C ASN B 178 -7.25 5.46 7.49
N SER B 179 -6.18 4.88 7.00
CA SER B 179 -4.90 5.03 7.69
C SER B 179 -3.81 4.50 6.81
N PRO B 180 -2.64 5.13 6.80
CA PRO B 180 -1.50 4.55 6.10
C PRO B 180 -1.02 3.24 6.72
N ALA B 181 -1.48 2.91 7.93
CA ALA B 181 -1.16 1.62 8.50
C ALA B 181 -1.68 0.47 7.65
N VAL B 182 -2.77 0.71 6.90
CA VAL B 182 -3.39 -0.31 6.07
C VAL B 182 -3.66 0.10 4.62
N ASN B 183 -3.58 1.39 4.31
CA ASN B 183 -3.99 1.94 3.01
C ASN B 183 -2.80 2.57 2.29
N HIS B 184 -2.94 2.61 0.96
CA HIS B 184 -1.90 3.19 0.13
C HIS B 184 -1.62 4.65 0.50
N TYR B 185 -0.35 5.02 0.33
CA TYR B 185 0.11 6.36 0.64
C TYR B 185 1.16 6.83 -0.37
N ALA B 186 1.44 8.13 -0.31
CA ALA B 186 2.39 8.78 -1.19
C ALA B 186 3.04 9.95 -0.48
N ALA B 187 4.21 10.35 -0.95
CA ALA B 187 4.84 11.59 -0.50
C ALA B 187 5.61 12.19 -1.68
N PHE B 188 5.53 13.51 -1.79
CA PHE B 188 6.17 14.26 -2.86
C PHE B 188 6.86 15.48 -2.27
N LEU B 189 7.90 15.95 -2.95
CA LEU B 189 8.62 17.14 -2.52
C LEU B 189 9.15 17.84 -3.79
N PHE B 190 8.85 19.14 -3.90
CA PHE B 190 9.23 19.93 -5.07
C PHE B 190 9.98 21.19 -4.67
N ASP B 191 11.14 21.40 -5.27
CA ASP B 191 11.81 22.69 -5.15
C ASP B 191 10.95 23.78 -5.76
N GLN B 192 11.05 24.98 -5.24
CA GLN B 192 10.44 26.14 -5.87
C GLN B 192 10.72 26.26 -7.35
N ASN B 193 11.94 25.93 -7.75
CA ASN B 193 12.36 26.16 -9.14
C ASN B 193 12.08 25.00 -10.07
N THR B 194 11.19 24.10 -9.68
CA THR B 194 10.76 23.02 -10.56
C THR B 194 10.28 23.58 -11.88
N PRO B 195 10.75 23.04 -13.01
CA PRO B 195 10.30 23.52 -14.32
C PRO B 195 8.80 23.39 -14.56
N LYS B 196 8.22 24.29 -15.36
CA LYS B 196 6.78 24.27 -15.58
C LYS B 196 6.25 22.94 -16.12
N GLY B 197 7.00 22.32 -17.05
CA GLY B 197 6.62 21.09 -17.66
C GLY B 197 7.01 19.82 -16.94
N ALA B 198 7.44 19.95 -15.70
CA ALA B 198 7.88 18.79 -14.95
C ALA B 198 6.78 17.79 -14.70
N ASP B 199 7.17 16.52 -14.62
CA ASP B 199 6.28 15.40 -14.34
C ASP B 199 6.31 15.16 -12.84
N PHE B 200 5.15 15.34 -12.16
CA PHE B 200 5.14 15.24 -10.72
C PHE B 200 5.57 13.85 -10.24
N CYS B 201 5.46 12.83 -11.10
CA CYS B 201 5.85 11.49 -10.72
CA CYS B 201 5.87 11.47 -10.81
C CYS B 201 7.34 11.35 -10.46
N GLN B 202 8.14 12.32 -10.88
CA GLN B 202 9.58 12.31 -10.68
CA GLN B 202 9.57 12.31 -10.68
C GLN B 202 10.00 12.93 -9.36
N PHE B 203 9.03 13.27 -8.49
CA PHE B 203 9.30 13.97 -7.24
C PHE B 203 8.77 13.22 -6.00
N ARG B 204 8.71 11.90 -6.14
CA ARG B 204 8.31 11.03 -5.03
C ARG B 204 9.44 10.90 -4.03
N VAL B 205 9.10 10.97 -2.73
CA VAL B 205 10.06 10.85 -1.64
C VAL B 205 9.44 9.97 -0.53
N THR B 206 10.20 9.74 0.51
CA THR B 206 9.66 9.14 1.71
C THR B 206 9.16 10.19 2.70
N VAL B 207 8.23 9.74 3.56
CA VAL B 207 7.79 10.57 4.64
C VAL B 207 8.95 10.93 5.56
N ASP B 208 9.86 9.98 5.82
CA ASP B 208 11.01 10.27 6.66
C ASP B 208 11.82 11.42 6.12
N GLU B 209 12.07 11.48 4.82
CA GLU B 209 12.83 12.60 4.27
C GLU B 209 12.16 13.92 4.60
N ILE B 210 10.84 13.99 4.40
CA ILE B 210 10.10 15.19 4.73
C ILE B 210 10.23 15.55 6.21
N GLU B 211 10.06 14.57 7.08
CA GLU B 211 10.19 14.81 8.52
C GLU B 211 11.56 15.37 8.87
N LYS B 212 12.61 14.76 8.34
CA LYS B 212 13.96 15.18 8.67
C LYS B 212 14.26 16.58 8.18
N ARG B 213 13.64 16.96 7.06
CA ARG B 213 13.86 18.27 6.47
C ARG B 213 13.00 19.37 7.10
N THR B 214 11.88 19.01 7.68
CA THR B 214 10.93 19.97 8.22
C THR B 214 10.94 20.11 9.73
N GLY B 215 11.44 19.09 10.45
CA GLY B 215 11.30 19.05 11.89
C GLY B 215 9.95 18.60 12.41
N LEU B 216 9.10 18.08 11.53
CA LEU B 216 7.77 17.60 11.91
C LEU B 216 7.77 16.09 12.06
N ILE B 217 6.78 15.60 12.79
CA ILE B 217 6.38 14.19 12.73
C ILE B 217 4.96 14.16 12.17
N ILE B 218 4.82 13.61 10.97
CA ILE B 218 3.54 13.51 10.34
CA ILE B 218 3.57 13.45 10.25
C ILE B 218 2.86 12.21 10.77
N TRP B 219 1.53 12.17 10.77
CA TRP B 219 0.79 10.95 11.13
C TRP B 219 1.23 10.53 12.56
N ALA B 220 1.25 11.52 13.44
CA ALA B 220 1.97 11.35 14.73
C ALA B 220 1.21 10.48 15.71
N GLY B 221 -0.03 10.10 15.44
CA GLY B 221 -0.77 9.17 16.26
C GLY B 221 -0.55 7.72 15.92
N LEU B 222 0.18 7.40 14.86
CA LEU B 222 0.40 6.00 14.50
C LEU B 222 1.27 5.32 15.55
N PRO B 223 1.09 4.00 15.73
CA PRO B 223 2.02 3.25 16.58
C PRO B 223 3.44 3.35 16.10
N ASP B 224 4.39 3.25 17.02
CA ASP B 224 5.80 3.38 16.68
C ASP B 224 6.23 2.40 15.61
N ASP B 225 5.80 1.16 15.71
CA ASP B 225 6.24 0.15 14.75
C ASP B 225 5.78 0.46 13.37
N VAL B 226 4.56 0.97 13.26
CA VAL B 226 4.00 1.38 11.97
C VAL B 226 4.80 2.55 11.39
N GLN B 227 5.06 3.53 12.22
CA GLN B 227 5.85 4.68 11.78
C GLN B 227 7.21 4.22 11.26
N ALA B 228 7.90 3.41 12.04
CA ALA B 228 9.24 2.94 11.70
C ALA B 228 9.23 2.07 10.46
N SER B 229 8.19 1.29 10.28
CA SER B 229 8.10 0.35 9.16
C SER B 229 7.90 1.11 7.86
N LEU B 230 7.02 2.11 7.82
CA LEU B 230 6.51 2.70 6.60
C LEU B 230 7.05 4.06 6.20
N LYS B 231 7.51 4.84 7.13
CA LYS B 231 7.97 6.15 6.75
C LYS B 231 9.25 6.13 5.96
N SER B 232 10.03 5.09 5.97
CA SER B 232 11.22 5.09 5.15
C SER B 232 10.99 4.32 3.86
N LYS B 233 9.75 3.97 3.58
CA LYS B 233 9.42 3.18 2.45
C LYS B 233 8.55 4.00 1.52
N PRO B 234 8.97 4.27 0.32
CA PRO B 234 8.14 5.04 -0.60
C PRO B 234 6.82 4.28 -0.84
N GLY B 235 5.71 4.97 -0.95
CA GLY B 235 4.40 4.30 -1.11
C GLY B 235 4.03 4.05 -2.55
N VAL B 236 2.91 3.34 -2.72
CA VAL B 236 2.42 2.94 -4.04
C VAL B 236 1.19 3.73 -4.48
N LEU B 237 0.66 4.63 -3.66
CA LEU B 237 -0.45 5.43 -4.13
C LEU B 237 -0.15 6.14 -5.47
N PRO B 238 1.05 6.64 -5.71
CA PRO B 238 1.27 7.33 -7.02
C PRO B 238 0.98 6.44 -8.21
N GLU B 239 1.10 5.15 -8.10
CA GLU B 239 0.77 4.29 -9.25
C GLU B 239 -0.69 4.40 -9.62
N LEU B 240 -1.58 4.76 -8.71
CA LEU B 240 -2.99 5.01 -9.00
C LEU B 240 -3.25 6.42 -9.47
N MET B 241 -2.24 7.25 -9.53
CA MET B 241 -2.32 8.64 -9.90
CA MET B 241 -2.40 8.63 -9.94
C MET B 241 -1.67 8.86 -11.26
N GLY B 242 -1.46 7.76 -12.00
CA GLY B 242 -0.88 7.81 -13.32
C GLY B 242 0.61 7.62 -13.39
N CYS B 243 1.31 7.42 -12.28
CA CYS B 243 2.76 7.27 -12.36
C CYS B 243 3.19 5.85 -12.76
N LYS B 244 4.28 5.74 -13.52
CA LYS B 244 4.74 4.46 -14.04
C LYS B 244 6.22 4.30 -13.78
MG MG C . 5.25 -25.98 5.45
C1 EDO D . 12.68 -19.06 -8.77
O1 EDO D . 13.00 -20.30 -9.36
C2 EDO D . 13.68 -17.95 -8.73
O2 EDO D . 13.92 -17.27 -10.13
C1 PEG E . -1.37 -36.80 -16.95
O1 PEG E . -0.02 -36.66 -16.57
C2 PEG E . -1.90 -38.24 -17.01
O2 PEG E . -1.73 -38.54 -15.57
C3 PEG E . -0.56 -39.00 -15.00
C4 PEG E . -0.95 -40.40 -15.25
O4 PEG E . 0.12 -41.11 -14.64
MG MG F . -2.06 26.43 -6.65
S SO4 G . -10.52 26.25 -9.93
O1 SO4 G . -11.72 25.52 -10.33
O2 SO4 G . -10.36 27.37 -10.83
O3 SO4 G . -10.76 26.67 -8.57
O4 SO4 G . -9.32 25.41 -9.86
S SO4 H . -4.57 29.96 -8.32
O1 SO4 H . -4.67 29.91 -9.79
O2 SO4 H . -5.23 31.16 -7.76
O3 SO4 H . -5.18 28.70 -7.84
O4 SO4 H . -3.14 30.03 -7.93
C1 GOL I . -0.35 41.03 -9.10
O1 GOL I . -1.40 40.21 -9.14
C2 GOL I . -0.03 42.34 -8.12
O2 GOL I . -0.75 42.23 -6.97
C3 GOL I . 1.22 43.09 -8.25
O3 GOL I . 1.07 43.90 -7.42
C1 EDO J . -13.54 16.44 -8.38
O1 EDO J . -14.92 16.21 -8.22
C2 EDO J . -12.88 15.13 -8.80
O2 EDO J . -13.09 14.17 -7.77
#